data_8HI6
#
_entry.id   8HI6
#
_cell.length_a   98.190
_cell.length_b   98.190
_cell.length_c   333.540
_cell.angle_alpha   90.000
_cell.angle_beta   90.000
_cell.angle_gamma   120.000
#
_symmetry.space_group_name_H-M   'P 65 2 2'
#
loop_
_entity.id
_entity.type
_entity.pdbx_description
1 polymer 'Short-chain dehydrogenase/reductase SDR'
2 non-polymer '3-oxidanylidenepropanoic acid'
3 non-polymer 'NADP NICOTINAMIDE-ADENINE-DINUCLEOTIDE PHOSPHATE'
4 water water
#
_entity_poly.entity_id   1
_entity_poly.type   'polypeptide(L)'
_entity_poly.pdbx_seq_one_letter_code
;MMSTVRRLEGKVALITGGAGNIGEVITRRFLAEGATVVITGRNAEKLAVYRRRLIDEERVAPERVVALRMDGSDIAQVRA
GVAQIVHGGTDVPIPLHRIDILVNNAGSAGPRRRLVDIPLEPSEVQPPDSETLAQAVGNLVGITWNLTRAAAPHMPSGSS
VINISTIFSRTDYYGRIAYVAPKAALNALSDGLARELGVRGIRVNTIYPGPIESERIYTMFQAMDALKGQPEGDTASGFL
RMMRLSRIDQNGEVVKRFPSPVDVANTAVFLASDESAAFTGHAFEVTHGMEVPTESRTTFVSRPGLRSVDATGKVILICA
GDQVDDAVALADTLRSCRATVVIGFRDPRALEKASVLLREPRHALAADMYGRPTMTAEARLVRLDPLDPRAAAQTLEQIH
AELGAIHHAVVLPGQSRHAPSASLIEVDDQVVERFLHQELVGTIALARELARFWEEYPSGSSMHRVLFVSNPDDQQGNQY
SHILRAAVEQLVRVWRHESEYDSVNPAHQQEGQSSAAVWANQLIRYVNNEMANLDFTCAWVAKLLGSDRRIAEINLYLPE
EIVGTIGVHNPGFHHHHHH
;
_entity_poly.pdbx_strand_id   A
#
# COMPACT_ATOMS: atom_id res chain seq x y z
N ARG A 6 10.91 20.23 28.01
CA ARG A 6 11.86 21.17 27.42
C ARG A 6 11.78 21.24 25.90
N ARG A 7 12.03 20.14 25.20
CA ARG A 7 12.23 20.24 23.75
C ARG A 7 10.93 20.43 22.99
N LEU A 8 9.79 20.01 23.55
CA LEU A 8 8.49 20.26 22.93
C LEU A 8 7.66 21.24 23.75
N GLU A 9 8.34 22.14 24.47
CA GLU A 9 7.66 23.05 25.38
C GLU A 9 6.59 23.86 24.67
N GLY A 10 5.35 23.77 25.14
CA GLY A 10 4.28 24.59 24.61
C GLY A 10 3.77 24.21 23.23
N LYS A 11 4.08 23.00 22.76
CA LYS A 11 3.58 22.53 21.49
C LYS A 11 2.36 21.63 21.69
N VAL A 12 1.44 21.69 20.74
CA VAL A 12 0.23 20.87 20.74
C VAL A 12 0.45 19.69 19.79
N ALA A 13 0.42 18.47 20.33
CA ALA A 13 0.63 17.25 19.57
C ALA A 13 -0.66 16.45 19.51
N LEU A 14 -1.03 16.00 18.31
CA LEU A 14 -2.12 15.04 18.12
C LEU A 14 -1.52 13.69 17.76
N ILE A 15 -1.76 12.68 18.61
CA ILE A 15 -1.16 11.36 18.43
C ILE A 15 -2.30 10.36 18.22
N THR A 16 -2.44 9.85 16.99
CA THR A 16 -3.45 8.83 16.77
C THR A 16 -2.93 7.48 17.25
N GLY A 17 -3.85 6.64 17.71
CA GLY A 17 -3.45 5.39 18.31
C GLY A 17 -2.57 5.57 19.53
N GLY A 18 -2.80 6.65 20.29
CA GLY A 18 -1.92 7.03 21.39
C GLY A 18 -1.93 6.10 22.58
N ALA A 19 -2.85 5.14 22.66
CA ALA A 19 -2.87 4.17 23.74
C ALA A 19 -2.41 2.79 23.30
N GLY A 20 -1.95 2.65 22.03
CA GLY A 20 -1.42 1.38 21.57
C GLY A 20 -0.04 1.11 22.12
N ASN A 21 0.56 0.00 21.65
CA ASN A 21 1.83 -0.47 22.19
C ASN A 21 2.94 0.57 22.02
N ILE A 22 3.06 1.15 20.82
CA ILE A 22 4.06 2.19 20.60
C ILE A 22 3.50 3.57 20.93
N GLY A 23 2.22 3.81 20.62
CA GLY A 23 1.62 5.09 20.90
C GLY A 23 1.74 5.51 22.37
N GLU A 24 1.62 4.54 23.28
CA GLU A 24 1.73 4.87 24.71
C GLU A 24 3.10 5.46 25.02
N VAL A 25 4.15 4.94 24.39
CA VAL A 25 5.50 5.40 24.66
C VAL A 25 5.76 6.72 23.97
N ILE A 26 5.18 6.94 22.78
CA ILE A 26 5.30 8.24 22.14
C ILE A 26 4.62 9.31 22.98
N THR A 27 3.39 9.01 23.42
CA THR A 27 2.66 9.93 24.30
C THR A 27 3.46 10.27 25.54
N ARG A 28 3.99 9.26 26.21
CA ARG A 28 4.74 9.49 27.44
C ARG A 28 5.94 10.39 27.21
N ARG A 29 6.73 10.09 26.16
CA ARG A 29 7.91 10.90 25.89
C ARG A 29 7.53 12.33 25.49
N PHE A 30 6.45 12.49 24.73
CA PHE A 30 6.02 13.83 24.34
C PHE A 30 5.64 14.67 25.56
N LEU A 31 4.97 14.04 26.53
CA LEU A 31 4.59 14.75 27.75
C LEU A 31 5.81 15.12 28.58
N ALA A 32 6.76 14.18 28.70
CA ALA A 32 8.00 14.48 29.41
C ALA A 32 8.74 15.65 28.78
N GLU A 33 8.57 15.88 27.47
CA GLU A 33 9.26 16.97 26.80
C GLU A 33 8.41 18.23 26.73
N GLY A 34 7.30 18.27 27.46
CA GLY A 34 6.57 19.50 27.66
C GLY A 34 5.43 19.73 26.72
N ALA A 35 5.10 18.77 25.86
CA ALA A 35 3.99 18.94 24.95
C ALA A 35 2.65 18.83 25.69
N THR A 36 1.62 19.44 25.10
CA THR A 36 0.24 19.10 25.38
C THR A 36 -0.22 18.09 24.34
N VAL A 37 -0.73 16.94 24.78
CA VAL A 37 -0.98 15.79 23.90
C VAL A 37 -2.47 15.48 23.85
N VAL A 38 -3.00 15.37 22.64
CA VAL A 38 -4.32 14.82 22.38
C VAL A 38 -4.13 13.40 21.82
N ILE A 39 -4.64 12.39 22.52
CA ILE A 39 -4.52 11.00 22.06
C ILE A 39 -5.88 10.53 21.55
N THR A 40 -5.85 9.82 20.42
CA THR A 40 -7.06 9.28 19.83
C THR A 40 -6.95 7.77 19.69
N GLY A 41 -8.11 7.16 19.45
CA GLY A 41 -8.22 5.72 19.30
C GLY A 41 -9.68 5.41 19.08
N ARG A 42 -9.96 4.14 18.77
CA ARG A 42 -11.34 3.71 18.64
C ARG A 42 -11.93 3.26 19.97
N ASN A 43 -11.09 2.69 20.83
CA ASN A 43 -11.49 2.20 22.15
C ASN A 43 -11.44 3.34 23.15
N ALA A 44 -12.60 3.94 23.42
CA ALA A 44 -12.65 5.10 24.31
C ALA A 44 -12.19 4.76 25.72
N GLU A 45 -12.50 3.55 26.19
CA GLU A 45 -12.11 3.16 27.54
C GLU A 45 -10.60 3.03 27.69
N LYS A 46 -9.95 2.38 26.72
CA LYS A 46 -8.50 2.25 26.78
C LYS A 46 -7.82 3.61 26.82
N LEU A 47 -8.38 4.60 26.10
CA LEU A 47 -7.85 5.95 26.14
C LEU A 47 -8.03 6.58 27.52
N ALA A 48 -9.23 6.44 28.08
CA ALA A 48 -9.50 7.01 29.40
C ALA A 48 -8.62 6.36 30.46
N VAL A 49 -8.46 5.03 30.39
CA VAL A 49 -7.63 4.33 31.37
C VAL A 49 -6.18 4.80 31.27
N TYR A 50 -5.65 4.90 30.05
CA TYR A 50 -4.26 5.34 29.90
C TYR A 50 -4.09 6.78 30.40
N ARG A 51 -5.00 7.67 30.03
CA ARG A 51 -4.93 9.05 30.53
C ARG A 51 -4.92 9.07 32.05
N ARG A 52 -5.78 8.27 32.68
CA ARG A 52 -5.80 8.22 34.14
C ARG A 52 -4.48 7.73 34.71
N ARG A 53 -3.86 6.72 34.09
CA ARG A 53 -2.58 6.24 34.58
C ARG A 53 -1.51 7.32 34.48
N LEU A 54 -1.53 8.10 33.39
CA LEU A 54 -0.53 9.16 33.23
C LEU A 54 -0.68 10.22 34.32
N ILE A 55 -1.92 10.57 34.65
CA ILE A 55 -2.18 11.55 35.69
C ILE A 55 -1.87 10.96 37.07
N ASP A 56 -2.43 9.79 37.38
CA ASP A 56 -2.41 9.27 38.73
C ASP A 56 -1.08 8.62 39.09
N GLU A 57 -0.35 8.08 38.13
CA GLU A 57 0.89 7.35 38.43
C GLU A 57 2.14 7.99 37.87
N GLU A 58 2.03 9.03 37.05
CA GLU A 58 3.21 9.70 36.50
C GLU A 58 3.16 11.21 36.70
N ARG A 59 2.23 11.71 37.53
CA ARG A 59 2.22 13.11 37.97
C ARG A 59 2.12 14.09 36.79
N VAL A 60 1.30 13.75 35.82
CA VAL A 60 1.06 14.60 34.66
C VAL A 60 -0.18 15.44 34.93
N ALA A 61 -0.08 16.74 34.65
CA ALA A 61 -1.21 17.64 34.85
C ALA A 61 -2.36 17.27 33.93
N PRO A 62 -3.60 17.25 34.43
CA PRO A 62 -4.73 16.83 33.58
C PRO A 62 -4.99 17.72 32.37
N GLU A 63 -4.61 18.99 32.43
CA GLU A 63 -4.81 19.90 31.31
C GLU A 63 -3.94 19.54 30.11
N ARG A 64 -2.88 18.78 30.33
CA ARG A 64 -1.88 18.49 29.29
C ARG A 64 -2.16 17.21 28.52
N VAL A 65 -3.15 16.41 28.92
CA VAL A 65 -3.54 15.20 28.20
C VAL A 65 -5.04 15.25 27.96
N VAL A 66 -5.44 15.03 26.70
CA VAL A 66 -6.85 14.98 26.33
C VAL A 66 -7.08 13.69 25.58
N ALA A 67 -8.05 12.90 26.04
CA ALA A 67 -8.43 11.66 25.39
C ALA A 67 -9.61 11.93 24.48
N LEU A 68 -9.50 11.52 23.21
CA LEU A 68 -10.50 11.85 22.21
C LEU A 68 -10.74 10.59 21.36
N ARG A 69 -11.90 9.98 21.50
CA ARG A 69 -12.24 8.85 20.64
C ARG A 69 -12.52 9.37 19.24
N MET A 70 -12.00 8.66 18.24
CA MET A 70 -12.07 9.10 16.85
C MET A 70 -11.63 7.96 15.94
N ASP A 71 -12.53 7.43 15.13
CA ASP A 71 -12.14 6.47 14.10
C ASP A 71 -11.57 7.27 12.93
N GLY A 72 -10.25 7.28 12.80
CA GLY A 72 -9.60 8.07 11.77
C GLY A 72 -9.88 7.64 10.34
N SER A 73 -10.47 6.46 10.12
CA SER A 73 -10.86 6.07 8.78
C SER A 73 -12.13 6.75 8.30
N ASP A 74 -12.86 7.44 9.19
CA ASP A 74 -14.10 8.14 8.88
C ASP A 74 -13.83 9.64 8.86
N ILE A 75 -13.86 10.25 7.67
CA ILE A 75 -13.45 11.64 7.54
C ILE A 75 -14.37 12.56 8.34
N ALA A 76 -15.65 12.19 8.45
CA ALA A 76 -16.59 13.00 9.22
C ALA A 76 -16.16 13.10 10.68
N GLN A 77 -15.84 11.94 11.29
CA GLN A 77 -15.34 11.95 12.66
C GLN A 77 -14.03 12.73 12.79
N VAL A 78 -13.14 12.60 11.80
CA VAL A 78 -11.86 13.31 11.85
C VAL A 78 -12.09 14.81 11.88
N ARG A 79 -12.92 15.32 10.96
CA ARG A 79 -13.19 16.75 10.93
C ARG A 79 -13.81 17.23 12.23
N ALA A 80 -14.78 16.48 12.76
CA ALA A 80 -15.41 16.86 14.03
C ALA A 80 -14.40 16.89 15.17
N GLY A 81 -13.52 15.88 15.25
CA GLY A 81 -12.53 15.86 16.32
C GLY A 81 -11.51 16.97 16.21
N VAL A 82 -11.05 17.26 14.99
CA VAL A 82 -10.09 18.35 14.79
C VAL A 82 -10.74 19.69 15.17
N ALA A 83 -12.00 19.89 14.77
CA ALA A 83 -12.72 21.10 15.16
C ALA A 83 -12.75 21.25 16.68
N GLN A 84 -13.03 20.15 17.40
CA GLN A 84 -13.01 20.20 18.86
C GLN A 84 -11.65 20.60 19.40
N ILE A 85 -10.58 20.01 18.85
CA ILE A 85 -9.23 20.33 19.30
C ILE A 85 -8.95 21.82 19.16
N VAL A 86 -9.37 22.41 18.04
CA VAL A 86 -9.03 23.81 17.77
C VAL A 86 -9.90 24.74 18.60
N HIS A 87 -11.22 24.53 18.59
CA HIS A 87 -12.15 25.49 19.16
C HIS A 87 -12.70 25.10 20.52
N GLY A 88 -12.32 23.95 21.04
CA GLY A 88 -12.94 23.42 22.24
C GLY A 88 -14.21 22.66 21.94
N GLY A 89 -14.62 21.81 22.87
CA GLY A 89 -15.85 21.07 22.72
C GLY A 89 -16.11 20.15 23.89
N THR A 90 -17.06 19.23 23.68
CA THR A 90 -17.49 18.34 24.76
C THR A 90 -16.34 17.54 25.36
N ASP A 91 -15.43 17.05 24.51
CA ASP A 91 -14.32 16.24 24.98
C ASP A 91 -13.01 17.01 25.08
N VAL A 92 -12.99 18.28 24.70
CA VAL A 92 -11.80 19.13 24.77
C VAL A 92 -12.14 20.35 25.61
N PRO A 93 -11.79 20.35 26.90
CA PRO A 93 -12.27 21.42 27.78
C PRO A 93 -11.66 22.78 27.50
N ILE A 94 -10.41 22.84 27.05
CA ILE A 94 -9.72 24.09 26.77
C ILE A 94 -9.42 24.12 25.28
N PRO A 95 -9.85 25.14 24.55
CA PRO A 95 -9.48 25.24 23.13
C PRO A 95 -7.96 25.33 22.98
N LEU A 96 -7.43 24.58 22.03
CA LEU A 96 -5.98 24.53 21.84
C LEU A 96 -5.50 25.31 20.62
N HIS A 97 -6.42 25.71 19.74
CA HIS A 97 -6.21 26.73 18.71
C HIS A 97 -5.38 26.30 17.50
N ARG A 98 -4.57 25.24 17.63
CA ARG A 98 -3.66 24.86 16.56
C ARG A 98 -3.18 23.44 16.84
N ILE A 99 -2.53 22.85 15.85
CA ILE A 99 -1.83 21.58 16.00
C ILE A 99 -0.40 21.82 15.51
N ASP A 100 0.57 21.63 16.40
CA ASP A 100 1.97 21.84 16.05
C ASP A 100 2.65 20.58 15.52
N ILE A 101 2.20 19.42 15.98
CA ILE A 101 2.78 18.12 15.66
C ILE A 101 1.62 17.16 15.41
N LEU A 102 1.61 16.52 14.24
CA LEU A 102 0.65 15.47 13.95
C LEU A 102 1.41 14.16 13.84
N VAL A 103 1.13 13.24 14.74
CA VAL A 103 1.75 11.92 14.71
C VAL A 103 0.71 10.94 14.18
N ASN A 104 0.80 10.62 12.89
CA ASN A 104 -0.07 9.64 12.27
C ASN A 104 0.46 8.26 12.59
N ASN A 105 0.13 7.80 13.79
CA ASN A 105 0.67 6.56 14.32
C ASN A 105 -0.32 5.42 14.26
N ALA A 106 -1.63 5.72 14.24
CA ALA A 106 -2.65 4.68 14.17
C ALA A 106 -2.46 3.80 12.95
N GLY A 107 -2.63 2.49 13.13
CA GLY A 107 -2.54 1.55 12.05
C GLY A 107 -2.92 0.16 12.51
N SER A 108 -3.98 -0.38 11.89
CA SER A 108 -4.44 -1.73 12.20
C SER A 108 -3.44 -2.75 11.68
N ALA A 109 -3.71 -4.03 11.93
CA ALA A 109 -2.85 -5.07 11.39
C ALA A 109 -3.39 -5.66 10.10
N GLY A 110 -4.63 -5.35 9.73
CA GLY A 110 -5.27 -5.94 8.58
C GLY A 110 -5.57 -7.42 8.79
N PRO A 111 -6.33 -8.02 7.87
CA PRO A 111 -6.54 -9.48 7.95
C PRO A 111 -5.24 -10.21 7.67
N ARG A 112 -4.95 -11.21 8.49
CA ARG A 112 -3.70 -11.96 8.32
C ARG A 112 -4.00 -13.24 7.54
N ARG A 113 -3.73 -13.20 6.23
CA ARG A 113 -4.09 -14.27 5.31
C ARG A 113 -3.21 -14.18 4.07
N ARG A 114 -2.93 -15.35 3.49
CA ARG A 114 -2.36 -15.41 2.16
C ARG A 114 -3.25 -14.66 1.18
N LEU A 115 -2.64 -14.14 0.11
CA LEU A 115 -3.41 -13.40 -0.89
C LEU A 115 -4.68 -14.13 -1.30
N VAL A 116 -4.59 -15.43 -1.61
CA VAL A 116 -5.77 -16.17 -2.07
C VAL A 116 -6.92 -16.13 -1.04
N ASP A 117 -6.60 -15.95 0.25
CA ASP A 117 -7.56 -16.05 1.34
C ASP A 117 -7.98 -14.69 1.90
N ILE A 118 -7.52 -13.59 1.33
CA ILE A 118 -7.84 -12.29 1.92
C ILE A 118 -9.34 -12.04 1.84
N PRO A 119 -10.00 -11.64 2.93
CA PRO A 119 -11.44 -11.41 2.89
C PRO A 119 -11.78 -10.09 2.20
N LEU A 120 -12.69 -10.17 1.22
CA LEU A 120 -13.14 -8.98 0.52
C LEU A 120 -14.47 -8.45 1.05
N GLU A 121 -15.32 -9.34 1.54
CA GLU A 121 -16.64 -8.97 2.01
C GLU A 121 -16.78 -9.30 3.48
N PRO A 122 -17.63 -8.56 4.20
CA PRO A 122 -17.71 -8.76 5.67
C PRO A 122 -17.99 -10.19 6.08
N SER A 123 -18.81 -10.92 5.32
CA SER A 123 -19.13 -12.31 5.65
C SER A 123 -17.94 -13.24 5.49
N GLU A 124 -16.88 -12.82 4.80
CA GLU A 124 -15.69 -13.68 4.59
C GLU A 124 -14.69 -13.55 5.74
N VAL A 125 -14.82 -12.52 6.56
CA VAL A 125 -13.86 -12.26 7.67
C VAL A 125 -13.96 -13.40 8.69
N GLN A 126 -12.85 -14.09 8.93
CA GLN A 126 -12.85 -15.27 9.83
C GLN A 126 -12.22 -14.93 11.17
N PRO A 127 -12.82 -15.40 12.28
CA PRO A 127 -12.40 -15.02 13.63
C PRO A 127 -11.07 -14.32 13.86
N PRO A 128 -9.88 -14.95 13.76
CA PRO A 128 -8.66 -14.25 14.19
C PRO A 128 -8.75 -12.78 13.69
N ASP A 129 -9.22 -12.57 12.46
CA ASP A 129 -9.28 -11.23 11.82
C ASP A 129 -10.57 -10.44 12.15
N SER A 130 -10.56 -9.14 11.85
CA SER A 130 -11.74 -8.28 12.12
C SER A 130 -11.96 -7.27 10.99
N GLU A 131 -11.23 -7.41 9.88
CA GLU A 131 -11.28 -6.39 8.86
C GLU A 131 -11.35 -7.03 7.48
N THR A 132 -12.16 -6.47 6.60
CA THR A 132 -12.01 -6.73 5.18
C THR A 132 -10.76 -6.02 4.65
N LEU A 133 -10.42 -6.34 3.39
CA LEU A 133 -9.37 -5.58 2.71
C LEU A 133 -9.67 -4.09 2.71
N ALA A 134 -10.91 -3.71 2.37
CA ALA A 134 -11.26 -2.29 2.30
C ALA A 134 -11.17 -1.61 3.65
N GLN A 135 -11.55 -2.31 4.72
CA GLN A 135 -11.41 -1.72 6.05
C GLN A 135 -9.94 -1.53 6.41
N ALA A 136 -9.09 -2.50 6.04
CA ALA A 136 -7.66 -2.39 6.33
C ALA A 136 -7.05 -1.19 5.61
N VAL A 137 -7.40 -0.99 4.33
CA VAL A 137 -6.94 0.19 3.59
C VAL A 137 -7.33 1.46 4.33
N GLY A 138 -8.58 1.55 4.78
CA GLY A 138 -9.01 2.76 5.49
C GLY A 138 -8.33 2.97 6.83
N ASN A 139 -7.95 1.88 7.51
CA ASN A 139 -7.25 1.91 8.78
C ASN A 139 -5.74 1.96 8.64
N LEU A 140 -5.23 2.10 7.42
CA LEU A 140 -3.77 2.15 7.26
C LEU A 140 -3.33 3.38 6.49
N VAL A 141 -3.90 3.62 5.30
CA VAL A 141 -3.52 4.79 4.52
C VAL A 141 -4.64 5.82 4.48
N GLY A 142 -5.90 5.38 4.42
CA GLY A 142 -7.01 6.32 4.53
C GLY A 142 -6.92 7.18 5.77
N ILE A 143 -6.54 6.56 6.90
CA ILE A 143 -6.54 7.28 8.17
C ILE A 143 -5.50 8.41 8.14
N THR A 144 -4.27 8.09 7.72
CA THR A 144 -3.21 9.11 7.64
C THR A 144 -3.62 10.23 6.69
N TRP A 145 -4.21 9.86 5.55
CA TRP A 145 -4.66 10.86 4.57
C TRP A 145 -5.71 11.78 5.18
N ASN A 146 -6.69 11.18 5.87
CA ASN A 146 -7.79 11.95 6.47
C ASN A 146 -7.27 12.95 7.50
N LEU A 147 -6.47 12.49 8.46
CA LEU A 147 -5.95 13.39 9.48
C LEU A 147 -5.12 14.52 8.90
N THR A 148 -4.25 14.22 7.93
CA THR A 148 -3.41 15.28 7.39
C THR A 148 -4.25 16.33 6.66
N ARG A 149 -5.26 15.89 5.91
CA ARG A 149 -6.10 16.88 5.24
C ARG A 149 -6.92 17.70 6.22
N ALA A 150 -7.44 17.06 7.26
CA ALA A 150 -8.25 17.78 8.23
C ALA A 150 -7.40 18.72 9.09
N ALA A 151 -6.19 18.29 9.46
CA ALA A 151 -5.36 19.07 10.37
C ALA A 151 -4.58 20.18 9.68
N ALA A 152 -4.21 20.00 8.41
CA ALA A 152 -3.30 20.92 7.75
C ALA A 152 -3.71 22.40 7.84
N PRO A 153 -4.98 22.78 7.68
CA PRO A 153 -5.33 24.20 7.82
C PRO A 153 -5.01 24.78 9.19
N HIS A 154 -4.81 23.95 10.21
CA HIS A 154 -4.57 24.43 11.57
C HIS A 154 -3.14 24.22 12.03
N MET A 155 -2.22 23.95 11.10
CA MET A 155 -0.82 23.76 11.43
C MET A 155 -0.03 24.94 10.90
N PRO A 156 0.55 25.79 11.75
CA PRO A 156 1.32 26.94 11.26
C PRO A 156 2.64 26.51 10.65
N SER A 157 3.27 27.45 9.95
CA SER A 157 4.62 27.22 9.44
C SER A 157 5.55 26.76 10.56
N GLY A 158 6.43 25.81 10.23
CA GLY A 158 7.30 25.21 11.23
C GLY A 158 6.74 23.97 11.89
N SER A 159 5.51 23.57 11.57
CA SER A 159 4.88 22.40 12.17
C SER A 159 5.41 21.11 11.53
N SER A 160 5.05 19.98 12.13
CA SER A 160 5.68 18.70 11.82
C SER A 160 4.63 17.60 11.73
N VAL A 161 4.57 16.92 10.59
CA VAL A 161 3.72 15.76 10.37
C VAL A 161 4.62 14.53 10.36
N ILE A 162 4.32 13.57 11.23
CA ILE A 162 5.16 12.40 11.43
C ILE A 162 4.30 11.17 11.13
N ASN A 163 4.60 10.48 10.03
CA ASN A 163 3.82 9.31 9.63
C ASN A 163 4.57 8.05 10.02
N ILE A 164 3.88 7.12 10.68
CA ILE A 164 4.47 5.84 11.05
C ILE A 164 4.08 4.83 9.98
N SER A 165 5.06 4.39 9.19
CA SER A 165 4.86 3.30 8.27
C SER A 165 5.41 2.02 8.90
N THR A 166 6.22 1.28 8.14
CA THR A 166 6.86 0.05 8.60
C THR A 166 7.87 -0.36 7.55
N ILE A 167 9.05 -0.82 8.01
CA ILE A 167 10.05 -1.31 7.05
C ILE A 167 9.52 -2.47 6.23
N PHE A 168 8.55 -3.21 6.78
CA PHE A 168 8.01 -4.40 6.12
C PHE A 168 7.15 -4.05 4.91
N SER A 169 6.89 -2.76 4.67
CA SER A 169 6.29 -2.31 3.41
C SER A 169 7.27 -2.44 2.25
N ARG A 170 8.52 -2.84 2.52
CA ARG A 170 9.55 -2.95 1.50
C ARG A 170 10.26 -4.30 1.50
N THR A 171 9.79 -5.27 2.31
CA THR A 171 10.43 -6.58 2.44
C THR A 171 9.41 -7.66 2.10
N ASP A 172 9.87 -8.91 2.00
CA ASP A 172 8.92 -10.01 2.04
C ASP A 172 8.16 -9.98 3.37
N TYR A 173 6.88 -10.35 3.33
CA TYR A 173 6.02 -10.35 4.51
C TYR A 173 4.81 -11.27 4.24
N TYR A 174 5.09 -12.56 4.17
CA TYR A 174 4.10 -13.57 3.80
C TYR A 174 2.82 -13.47 4.61
N GLY A 175 1.68 -13.48 3.90
CA GLY A 175 0.40 -13.46 4.59
C GLY A 175 -0.06 -12.11 5.07
N ARG A 176 0.58 -11.01 4.64
CA ARG A 176 0.26 -9.69 5.14
C ARG A 176 0.04 -8.67 4.02
N ILE A 177 -0.33 -9.12 2.82
CA ILE A 177 -0.53 -8.16 1.72
C ILE A 177 -1.57 -7.11 2.08
N ALA A 178 -2.63 -7.50 2.81
CA ALA A 178 -3.63 -6.51 3.18
C ALA A 178 -3.08 -5.45 4.14
N TYR A 179 -1.90 -5.68 4.71
CA TYR A 179 -1.21 -4.72 5.56
C TYR A 179 -0.07 -4.01 4.84
N VAL A 180 0.84 -4.74 4.20
CA VAL A 180 2.02 -4.07 3.68
C VAL A 180 1.75 -3.33 2.38
N ALA A 181 0.75 -3.74 1.60
CA ALA A 181 0.51 -3.00 0.36
C ALA A 181 -0.12 -1.63 0.67
N PRO A 182 -1.07 -1.52 1.61
CA PRO A 182 -1.54 -0.18 1.99
C PRO A 182 -0.48 0.66 2.68
N LYS A 183 0.40 0.05 3.48
CA LYS A 183 1.50 0.82 4.06
C LYS A 183 2.47 1.30 2.99
N ALA A 184 2.70 0.51 1.93
CA ALA A 184 3.54 1.00 0.83
C ALA A 184 2.89 2.20 0.16
N ALA A 185 1.56 2.14 -0.07
CA ALA A 185 0.83 3.29 -0.58
C ALA A 185 1.03 4.51 0.30
N LEU A 186 0.98 4.31 1.62
CA LEU A 186 1.19 5.39 2.58
C LEU A 186 2.56 6.04 2.39
N ASN A 187 3.59 5.25 2.08
CA ASN A 187 4.92 5.82 1.83
C ASN A 187 4.89 6.84 0.71
N ALA A 188 4.22 6.51 -0.40
CA ALA A 188 4.18 7.42 -1.53
C ALA A 188 3.27 8.60 -1.27
N LEU A 189 2.18 8.38 -0.52
CA LEU A 189 1.33 9.49 -0.11
C LEU A 189 2.11 10.49 0.73
N SER A 190 2.94 10.00 1.66
CA SER A 190 3.74 10.89 2.50
C SER A 190 4.72 11.71 1.68
N ASP A 191 5.32 11.11 0.66
CA ASP A 191 6.26 11.87 -0.16
C ASP A 191 5.53 12.94 -0.96
N GLY A 192 4.35 12.63 -1.51
CA GLY A 192 3.58 13.65 -2.19
C GLY A 192 3.13 14.76 -1.24
N LEU A 193 2.79 14.40 0.01
CA LEU A 193 2.35 15.41 0.97
C LEU A 193 3.49 16.33 1.37
N ALA A 194 4.70 15.78 1.52
CA ALA A 194 5.85 16.64 1.81
C ALA A 194 6.01 17.71 0.73
N ARG A 195 5.82 17.32 -0.52
CA ARG A 195 5.95 18.28 -1.62
C ARG A 195 4.88 19.36 -1.51
N GLU A 196 3.64 18.94 -1.25
CA GLU A 196 2.54 19.89 -1.22
C GLU A 196 2.60 20.82 -0.01
N LEU A 197 2.85 20.26 1.18
CA LEU A 197 2.83 21.05 2.41
C LEU A 197 4.11 21.85 2.62
N GLY A 198 5.18 21.52 1.90
CA GLY A 198 6.43 22.23 2.09
C GLY A 198 6.33 23.71 1.80
N VAL A 199 5.48 24.08 0.83
CA VAL A 199 5.32 25.49 0.51
C VAL A 199 4.71 26.27 1.68
N ARG A 200 4.01 25.57 2.59
CA ARG A 200 3.48 26.21 3.78
C ARG A 200 4.44 26.15 4.96
N GLY A 201 5.63 25.58 4.79
CA GLY A 201 6.52 25.40 5.93
C GLY A 201 6.17 24.25 6.84
N ILE A 202 5.31 23.33 6.41
CA ILE A 202 4.96 22.15 7.21
C ILE A 202 5.81 21.00 6.71
N ARG A 203 6.61 20.41 7.58
CA ARG A 203 7.42 19.28 7.13
C ARG A 203 6.69 17.97 7.38
N VAL A 204 6.98 16.98 6.52
CA VAL A 204 6.31 15.67 6.51
C VAL A 204 7.39 14.60 6.40
N ASN A 205 7.55 13.78 7.44
CA ASN A 205 8.58 12.76 7.48
C ASN A 205 7.97 11.42 7.87
N THR A 206 8.65 10.33 7.53
CA THR A 206 8.12 8.98 7.76
C THR A 206 9.08 8.17 8.61
N ILE A 207 8.55 7.55 9.66
CA ILE A 207 9.34 6.60 10.45
C ILE A 207 9.00 5.19 9.96
N TYR A 208 10.03 4.38 9.72
CA TYR A 208 9.88 2.99 9.31
C TYR A 208 10.43 2.12 10.44
N PRO A 209 9.61 1.72 11.39
CA PRO A 209 10.11 0.80 12.43
C PRO A 209 10.36 -0.57 11.84
N GLY A 210 11.42 -1.22 12.31
CA GLY A 210 11.60 -2.65 12.11
C GLY A 210 10.69 -3.41 13.07
N PRO A 211 11.03 -4.66 13.41
CA PRO A 211 10.28 -5.35 14.45
C PRO A 211 10.56 -4.70 15.80
N ILE A 212 9.52 -4.24 16.48
CA ILE A 212 9.64 -3.50 17.74
C ILE A 212 9.13 -4.37 18.88
N GLU A 213 9.96 -4.56 19.92
CA GLU A 213 9.55 -5.28 21.12
C GLU A 213 8.17 -4.80 21.56
N SER A 214 7.16 -5.65 21.42
CA SER A 214 5.79 -5.25 21.66
C SER A 214 4.94 -6.50 21.58
N GLU A 215 3.80 -6.48 22.25
CA GLU A 215 2.85 -7.57 22.09
C GLU A 215 2.43 -7.70 20.64
N ARG A 216 2.36 -6.57 19.93
CA ARG A 216 1.91 -6.60 18.54
C ARG A 216 2.84 -7.45 17.68
N ILE A 217 4.15 -7.20 17.74
CA ILE A 217 5.05 -7.91 16.83
C ILE A 217 5.04 -9.41 17.11
N TYR A 218 5.00 -9.81 18.39
CA TYR A 218 5.05 -11.23 18.67
C TYR A 218 3.73 -11.90 18.28
N THR A 219 2.61 -11.21 18.43
CA THR A 219 1.34 -11.73 17.95
C THR A 219 1.35 -11.91 16.43
N MET A 220 1.87 -10.91 15.71
CA MET A 220 1.86 -10.98 14.24
C MET A 220 2.84 -12.04 13.75
N PHE A 221 4.04 -12.09 14.34
CA PHE A 221 5.02 -13.09 13.92
C PHE A 221 4.53 -14.50 14.25
N GLN A 222 3.79 -14.67 15.35
CA GLN A 222 3.20 -15.98 15.64
C GLN A 222 2.22 -16.37 14.55
N ALA A 223 1.34 -15.45 14.16
CA ALA A 223 0.38 -15.73 13.10
C ALA A 223 1.07 -15.99 11.77
N MET A 224 2.12 -15.24 11.43
CA MET A 224 2.80 -15.45 10.15
C MET A 224 3.55 -16.77 10.12
N ASP A 225 4.13 -17.21 11.24
CA ASP A 225 4.73 -18.53 11.27
C ASP A 225 3.67 -19.61 11.02
N ALA A 226 2.50 -19.43 11.60
CA ALA A 226 1.40 -20.39 11.40
C ALA A 226 0.91 -20.37 9.96
N LEU A 227 0.78 -19.18 9.37
CA LEU A 227 0.31 -19.08 7.99
C LEU A 227 1.24 -19.82 7.03
N LYS A 228 2.56 -19.77 7.27
CA LYS A 228 3.53 -20.46 6.43
C LYS A 228 3.73 -21.92 6.81
N GLY A 229 3.12 -22.40 7.88
CA GLY A 229 3.40 -23.74 8.38
C GLY A 229 4.84 -23.95 8.81
N GLN A 230 5.46 -22.96 9.44
CA GLN A 230 6.82 -23.10 9.90
C GLN A 230 6.88 -22.93 11.43
N PRO A 231 7.97 -23.34 12.07
CA PRO A 231 8.04 -23.30 13.54
C PRO A 231 8.00 -21.90 14.11
N GLU A 232 7.56 -21.82 15.38
CA GLU A 232 7.62 -20.57 16.14
C GLU A 232 9.03 -19.99 16.06
N GLY A 233 9.11 -18.67 15.85
CA GLY A 233 10.38 -17.98 15.84
C GLY A 233 11.08 -17.88 14.49
N ASP A 234 10.58 -18.54 13.44
CA ASP A 234 11.26 -18.49 12.14
C ASP A 234 11.18 -17.10 11.50
N THR A 235 10.01 -16.46 11.53
CA THR A 235 9.91 -15.12 10.96
C THR A 235 10.88 -14.16 11.64
N ALA A 236 10.91 -14.19 12.98
CA ALA A 236 11.82 -13.32 13.73
C ALA A 236 13.27 -13.61 13.40
N SER A 237 13.63 -14.89 13.30
CA SER A 237 15.02 -15.26 13.03
C SER A 237 15.50 -14.67 11.72
N GLY A 238 14.63 -14.63 10.71
CA GLY A 238 15.02 -14.07 9.42
C GLY A 238 15.35 -12.59 9.51
N PHE A 239 14.54 -11.83 10.23
CA PHE A 239 14.78 -10.41 10.33
C PHE A 239 15.93 -10.08 11.27
N LEU A 240 16.13 -10.87 12.34
CA LEU A 240 17.30 -10.70 13.19
C LEU A 240 18.58 -10.87 12.39
N ARG A 241 18.63 -11.87 11.49
CA ARG A 241 19.81 -12.05 10.65
C ARG A 241 20.08 -10.84 9.75
N MET A 242 19.03 -10.14 9.31
CA MET A 242 19.19 -9.00 8.40
C MET A 242 19.75 -7.76 9.08
N MET A 243 19.63 -7.66 10.41
CA MET A 243 20.13 -6.46 11.08
C MET A 243 21.65 -6.43 11.03
N ARG A 244 22.19 -5.24 10.76
CA ARG A 244 23.64 -5.04 10.79
C ARG A 244 24.15 -4.65 12.16
N LEU A 245 23.32 -3.98 12.98
CA LEU A 245 23.76 -3.46 14.26
C LEU A 245 23.39 -4.45 15.35
N SER A 246 24.40 -5.02 16.00
CA SER A 246 24.20 -5.74 17.24
C SER A 246 24.17 -4.76 18.39
N ARG A 247 23.54 -5.16 19.49
CA ARG A 247 23.23 -4.16 20.51
C ARG A 247 23.05 -4.83 21.87
N ILE A 248 23.43 -4.08 22.92
CA ILE A 248 23.27 -4.53 24.30
C ILE A 248 21.83 -4.92 24.57
N ASP A 249 21.62 -6.15 25.04
CA ASP A 249 20.31 -6.60 25.49
C ASP A 249 20.21 -6.48 27.01
N GLN A 250 19.11 -6.97 27.59
CA GLN A 250 18.87 -6.81 29.02
C GLN A 250 19.98 -7.41 29.89
N ASN A 251 20.70 -8.41 29.39
CA ASN A 251 21.79 -9.02 30.14
C ASN A 251 23.17 -8.50 29.73
N GLY A 252 23.23 -7.36 29.01
CA GLY A 252 24.52 -6.78 28.66
C GLY A 252 25.28 -7.50 27.56
N GLU A 253 24.62 -8.38 26.81
CA GLU A 253 25.26 -9.10 25.71
C GLU A 253 25.03 -8.35 24.39
N VAL A 254 26.08 -8.29 23.56
CA VAL A 254 25.99 -7.59 22.26
C VAL A 254 25.49 -8.59 21.23
N VAL A 255 24.19 -8.50 20.89
CA VAL A 255 23.51 -9.52 20.11
C VAL A 255 22.58 -8.85 19.11
N LYS A 256 21.99 -9.67 18.23
CA LYS A 256 20.84 -9.25 17.45
C LYS A 256 19.61 -9.21 18.34
N ARG A 257 18.88 -8.10 18.32
CA ARG A 257 17.66 -7.96 19.10
C ARG A 257 16.74 -6.97 18.39
N PHE A 258 15.48 -6.92 18.82
CA PHE A 258 14.58 -5.92 18.25
C PHE A 258 14.83 -4.56 18.90
N PRO A 259 14.67 -3.47 18.14
CA PRO A 259 14.59 -2.16 18.79
C PRO A 259 13.36 -2.11 19.67
N SER A 260 13.33 -1.10 20.53
CA SER A 260 12.27 -0.96 21.52
C SER A 260 11.33 0.16 21.13
N PRO A 261 10.14 0.23 21.77
CA PRO A 261 9.26 1.36 21.50
C PRO A 261 9.88 2.72 21.82
N VAL A 262 10.78 2.80 22.80
CA VAL A 262 11.37 4.11 23.09
C VAL A 262 12.27 4.56 21.95
N ASP A 263 12.88 3.62 21.20
CA ASP A 263 13.63 4.00 20.00
C ASP A 263 12.75 4.75 19.02
N VAL A 264 11.52 4.25 18.80
CA VAL A 264 10.60 4.91 17.89
C VAL A 264 10.14 6.24 18.48
N ALA A 265 9.80 6.24 19.78
CA ALA A 265 9.37 7.48 20.42
C ALA A 265 10.46 8.55 20.37
N ASN A 266 11.71 8.17 20.61
CA ASN A 266 12.81 9.13 20.56
C ASN A 266 13.01 9.71 19.17
N THR A 267 12.74 8.91 18.13
CA THR A 267 12.80 9.46 16.78
C THR A 267 11.65 10.44 16.55
N ALA A 268 10.47 10.11 17.07
CA ALA A 268 9.33 11.02 16.94
C ALA A 268 9.57 12.33 17.67
N VAL A 269 10.21 12.29 18.84
CA VAL A 269 10.56 13.52 19.55
C VAL A 269 11.50 14.38 18.71
N PHE A 270 12.54 13.78 18.15
CA PHE A 270 13.46 14.52 17.29
C PHE A 270 12.71 15.20 16.16
N LEU A 271 11.82 14.46 15.50
CA LEU A 271 11.07 15.00 14.35
C LEU A 271 10.03 16.01 14.77
N ALA A 272 9.49 15.88 15.99
CA ALA A 272 8.51 16.85 16.49
C ALA A 272 9.16 18.17 16.88
N SER A 273 10.40 18.10 17.36
CA SER A 273 11.12 19.25 17.88
C SER A 273 11.70 20.11 16.75
N ASP A 274 12.12 21.33 17.12
CA ASP A 274 12.73 22.22 16.15
C ASP A 274 14.12 21.77 15.73
N GLU A 275 14.68 20.75 16.39
CA GLU A 275 15.98 20.25 15.97
C GLU A 275 15.96 19.58 14.60
N SER A 276 14.78 19.22 14.10
CA SER A 276 14.61 18.57 12.81
C SER A 276 14.05 19.52 11.76
N ALA A 277 14.15 20.84 11.99
CA ALA A 277 13.49 21.82 11.14
C ALA A 277 13.95 21.77 9.68
N ALA A 278 15.09 21.18 9.38
CA ALA A 278 15.61 21.13 8.02
C ALA A 278 15.18 19.88 7.25
N PHE A 279 14.41 18.97 7.86
CA PHE A 279 14.04 17.68 7.25
C PHE A 279 12.61 17.70 6.73
N THR A 280 12.43 17.34 5.45
CA THR A 280 11.11 16.94 4.98
C THR A 280 11.26 15.87 3.91
N GLY A 281 10.18 15.10 3.74
CA GLY A 281 10.19 13.98 2.79
C GLY A 281 11.23 12.93 3.08
N HIS A 282 11.57 12.75 4.35
CA HIS A 282 12.74 11.99 4.75
C HIS A 282 12.31 10.72 5.50
N ALA A 283 13.04 9.64 5.27
CA ALA A 283 12.78 8.35 5.89
C ALA A 283 13.66 8.19 7.13
N PHE A 284 13.13 7.54 8.16
CA PHE A 284 13.87 7.24 9.39
C PHE A 284 13.64 5.77 9.73
N GLU A 285 14.65 4.93 9.47
CA GLU A 285 14.52 3.48 9.54
C GLU A 285 15.05 2.99 10.89
N VAL A 286 14.12 2.69 11.79
CA VAL A 286 14.45 2.28 13.16
C VAL A 286 14.55 0.75 13.12
N THR A 287 15.65 0.25 12.57
CA THR A 287 15.72 -1.15 12.17
C THR A 287 17.04 -1.82 12.51
N HIS A 288 17.95 -1.17 13.23
CA HIS A 288 19.29 -1.72 13.45
C HIS A 288 20.00 -2.00 12.13
N GLY A 289 19.78 -1.12 11.14
CA GLY A 289 20.52 -1.19 9.89
C GLY A 289 20.15 -2.34 8.96
N MET A 290 18.89 -2.79 8.97
CA MET A 290 18.45 -3.74 7.94
C MET A 290 18.68 -3.13 6.56
N GLU A 291 19.34 -3.85 5.66
CA GLU A 291 19.60 -3.32 4.31
C GLU A 291 18.38 -3.59 3.44
N VAL A 292 17.53 -2.57 3.27
CA VAL A 292 16.26 -2.71 2.58
C VAL A 292 16.16 -1.60 1.53
N PRO A 293 16.12 -1.93 0.25
CA PRO A 293 16.08 -0.87 -0.78
C PRO A 293 14.80 -0.06 -0.69
N THR A 294 14.83 1.14 -1.25
CA THR A 294 13.62 1.94 -1.27
C THR A 294 12.75 1.54 -2.46
N GLU A 295 13.34 1.01 -3.54
CA GLU A 295 12.57 0.60 -4.70
C GLU A 295 13.30 -0.48 -5.46
N SER A 296 12.55 -1.46 -5.98
CA SER A 296 13.07 -2.44 -6.93
C SER A 296 12.68 -1.97 -8.33
N ARG A 297 13.67 -1.50 -9.11
CA ARG A 297 13.35 -0.92 -10.41
C ARG A 297 14.50 -1.12 -11.39
N THR A 298 14.16 -1.09 -12.68
CA THR A 298 15.10 -1.02 -13.78
C THR A 298 14.44 -0.18 -14.88
N THR A 299 15.26 0.26 -15.84
CA THR A 299 14.79 1.10 -16.94
C THR A 299 15.02 0.38 -18.26
N PHE A 300 13.99 0.34 -19.12
CA PHE A 300 14.18 -0.25 -20.44
C PHE A 300 15.23 0.54 -21.23
N VAL A 301 16.21 -0.16 -21.81
CA VAL A 301 17.23 0.53 -22.58
C VAL A 301 17.19 0.17 -24.05
N SER A 302 16.18 -0.60 -24.47
CA SER A 302 16.00 -0.98 -25.86
C SER A 302 14.51 -1.20 -26.12
N ARG A 303 14.15 -1.20 -27.39
CA ARG A 303 12.82 -1.67 -27.76
C ARG A 303 12.91 -3.12 -28.22
N PRO A 304 12.02 -4.02 -27.83
CA PRO A 304 12.20 -5.43 -28.17
C PRO A 304 11.71 -5.73 -29.58
N GLY A 305 12.38 -6.68 -30.22
CA GLY A 305 11.91 -7.20 -31.50
C GLY A 305 10.79 -8.20 -31.28
N LEU A 306 9.67 -8.00 -31.96
CA LEU A 306 8.51 -8.87 -31.83
C LEU A 306 8.49 -10.00 -32.84
N ARG A 307 9.35 -9.96 -33.86
CA ARG A 307 9.32 -10.97 -34.91
C ARG A 307 9.52 -12.38 -34.36
N SER A 308 10.30 -12.52 -33.29
CA SER A 308 10.56 -13.80 -32.67
C SER A 308 9.53 -14.20 -31.60
N VAL A 309 8.57 -13.32 -31.28
CA VAL A 309 7.66 -13.55 -30.16
C VAL A 309 6.46 -14.34 -30.64
N ASP A 310 6.28 -15.55 -30.12
CA ASP A 310 5.17 -16.41 -30.54
C ASP A 310 4.40 -16.87 -29.30
N ALA A 311 3.23 -16.28 -29.09
CA ALA A 311 2.35 -16.65 -27.99
C ALA A 311 1.22 -17.58 -28.42
N THR A 312 1.42 -18.36 -29.49
CA THR A 312 0.41 -19.32 -29.92
C THR A 312 -0.05 -20.18 -28.77
N GLY A 313 -1.36 -20.25 -28.57
CA GLY A 313 -1.92 -21.12 -27.56
C GLY A 313 -1.82 -20.59 -26.14
N LYS A 314 -1.39 -19.35 -25.95
CA LYS A 314 -1.44 -18.73 -24.63
C LYS A 314 -2.68 -17.86 -24.52
N VAL A 315 -3.47 -18.11 -23.48
CA VAL A 315 -4.62 -17.27 -23.18
C VAL A 315 -4.17 -16.14 -22.27
N ILE A 316 -4.41 -14.90 -22.69
CA ILE A 316 -3.96 -13.71 -21.96
C ILE A 316 -5.18 -12.83 -21.69
N LEU A 317 -5.44 -12.57 -20.42
CA LEU A 317 -6.54 -11.72 -20.00
C LEU A 317 -6.02 -10.31 -19.74
N ILE A 318 -6.57 -9.33 -20.46
CA ILE A 318 -6.31 -7.92 -20.20
C ILE A 318 -7.42 -7.40 -19.30
N CYS A 319 -7.05 -6.86 -18.13
CA CYS A 319 -8.03 -6.39 -17.14
C CYS A 319 -8.01 -4.87 -17.18
N ALA A 320 -9.03 -4.28 -17.78
CA ALA A 320 -9.07 -2.85 -17.96
C ALA A 320 -10.19 -2.24 -17.13
N GLY A 321 -10.06 -0.96 -16.82
CA GLY A 321 -11.11 -0.23 -16.15
C GLY A 321 -12.03 0.39 -17.17
N ASP A 322 -11.59 1.53 -17.72
CA ASP A 322 -12.30 2.22 -18.79
C ASP A 322 -11.39 2.57 -19.96
N GLN A 323 -10.19 2.01 -20.04
CA GLN A 323 -9.17 2.44 -21.02
C GLN A 323 -9.36 1.71 -22.34
N VAL A 324 -10.34 2.18 -23.11
CA VAL A 324 -10.72 1.51 -24.36
C VAL A 324 -9.54 1.46 -25.33
N ASP A 325 -9.01 2.62 -25.72
CA ASP A 325 -8.00 2.64 -26.77
C ASP A 325 -6.73 1.89 -26.34
N ASP A 326 -6.29 2.09 -25.09
CA ASP A 326 -5.10 1.38 -24.61
C ASP A 326 -5.33 -0.12 -24.58
N ALA A 327 -6.47 -0.57 -24.05
CA ALA A 327 -6.74 -2.01 -24.00
C ALA A 327 -6.81 -2.61 -25.40
N VAL A 328 -7.42 -1.89 -26.35
CA VAL A 328 -7.51 -2.42 -27.70
C VAL A 328 -6.14 -2.49 -28.35
N ALA A 329 -5.30 -1.47 -28.12
CA ALA A 329 -3.95 -1.49 -28.68
C ALA A 329 -3.14 -2.65 -28.12
N LEU A 330 -3.26 -2.93 -26.82
CA LEU A 330 -2.57 -4.09 -26.26
C LEU A 330 -3.08 -5.38 -26.88
N ALA A 331 -4.40 -5.50 -27.04
CA ALA A 331 -4.97 -6.71 -27.66
C ALA A 331 -4.49 -6.88 -29.09
N ASP A 332 -4.50 -5.80 -29.88
CA ASP A 332 -3.97 -5.87 -31.25
C ASP A 332 -2.55 -6.41 -31.26
N THR A 333 -1.67 -5.89 -30.39
CA THR A 333 -0.28 -6.33 -30.38
C THR A 333 -0.16 -7.79 -30.00
N LEU A 334 -0.86 -8.20 -28.92
CA LEU A 334 -0.82 -9.60 -28.52
C LEU A 334 -1.41 -10.50 -29.60
N ARG A 335 -2.45 -10.04 -30.29
CA ARG A 335 -3.01 -10.88 -31.34
C ARG A 335 -2.06 -11.02 -32.52
N SER A 336 -1.31 -9.96 -32.85
CA SER A 336 -0.28 -10.10 -33.90
C SER A 336 0.83 -11.06 -33.48
N CYS A 337 0.97 -11.38 -32.19
CA CYS A 337 1.87 -12.42 -31.73
C CYS A 337 1.16 -13.76 -31.53
N ARG A 338 -0.08 -13.87 -32.03
CA ARG A 338 -0.87 -15.11 -32.07
C ARG A 338 -1.41 -15.55 -30.71
N ALA A 339 -1.55 -14.63 -29.75
CA ALA A 339 -2.15 -14.98 -28.47
C ALA A 339 -3.67 -15.05 -28.58
N THR A 340 -4.27 -15.83 -27.65
CA THR A 340 -5.71 -15.90 -27.47
C THR A 340 -6.09 -14.89 -26.39
N VAL A 341 -6.75 -13.82 -26.78
CA VAL A 341 -6.91 -12.65 -25.90
C VAL A 341 -8.35 -12.52 -25.44
N VAL A 342 -8.51 -12.24 -24.15
CA VAL A 342 -9.76 -11.79 -23.54
C VAL A 342 -9.50 -10.41 -22.96
N ILE A 343 -10.42 -9.47 -23.18
CA ILE A 343 -10.38 -8.17 -22.51
C ILE A 343 -11.56 -8.09 -21.55
N GLY A 344 -11.26 -7.83 -20.28
CA GLY A 344 -12.29 -7.55 -19.27
C GLY A 344 -12.32 -6.07 -18.97
N PHE A 345 -13.54 -5.53 -18.81
CA PHE A 345 -13.75 -4.12 -18.52
C PHE A 345 -14.57 -3.98 -17.24
N ARG A 346 -14.12 -3.11 -16.32
CA ARG A 346 -14.95 -2.76 -15.17
C ARG A 346 -16.16 -1.95 -15.59
N ASP A 347 -15.99 -1.07 -16.58
CA ASP A 347 -17.00 -0.11 -16.94
C ASP A 347 -17.79 -0.60 -18.14
N PRO A 348 -19.11 -0.84 -18.01
CA PRO A 348 -19.87 -1.37 -19.13
C PRO A 348 -19.92 -0.47 -20.35
N ARG A 349 -19.86 0.85 -20.15
CA ARG A 349 -19.80 1.78 -21.29
C ARG A 349 -18.50 1.60 -22.07
N ALA A 350 -17.39 1.40 -21.37
CA ALA A 350 -16.13 1.14 -22.05
C ALA A 350 -16.22 -0.16 -22.85
N LEU A 351 -16.88 -1.16 -22.28
CA LEU A 351 -17.06 -2.43 -22.98
C LEU A 351 -17.83 -2.23 -24.29
N GLU A 352 -18.88 -1.41 -24.27
CA GLU A 352 -19.64 -1.15 -25.49
C GLU A 352 -18.77 -0.40 -26.51
N LYS A 353 -18.07 0.65 -26.07
CA LYS A 353 -17.21 1.38 -26.99
C LYS A 353 -16.17 0.47 -27.62
N ALA A 354 -15.67 -0.49 -26.84
CA ALA A 354 -14.62 -1.37 -27.36
C ALA A 354 -15.17 -2.35 -28.39
N SER A 355 -16.43 -2.77 -28.22
CA SER A 355 -17.06 -3.65 -29.22
C SER A 355 -17.09 -2.98 -30.59
N VAL A 356 -17.52 -1.71 -30.63
CA VAL A 356 -17.54 -0.95 -31.88
C VAL A 356 -16.15 -0.87 -32.47
N LEU A 357 -15.17 -0.50 -31.66
CA LEU A 357 -13.80 -0.35 -32.16
C LEU A 357 -13.27 -1.66 -32.72
N LEU A 358 -13.55 -2.78 -32.04
CA LEU A 358 -13.06 -4.07 -32.50
C LEU A 358 -13.72 -4.50 -33.80
N ARG A 359 -14.99 -4.13 -34.00
CA ARG A 359 -15.66 -4.44 -35.26
C ARG A 359 -15.01 -3.72 -36.44
N GLU A 360 -14.34 -2.61 -36.19
CA GLU A 360 -13.66 -1.83 -37.23
C GLU A 360 -12.42 -2.55 -37.76
N ARG A 372 1.20 -9.81 -42.73
CA ARG A 372 1.18 -11.25 -42.93
C ARG A 372 -0.16 -11.86 -42.49
N PRO A 373 -0.61 -12.90 -43.20
CA PRO A 373 -1.88 -13.54 -42.85
C PRO A 373 -1.84 -14.19 -41.47
N THR A 374 -2.96 -14.09 -40.76
CA THR A 374 -3.03 -14.60 -39.40
C THR A 374 -4.33 -15.36 -39.20
N MET A 375 -4.25 -16.44 -38.43
CA MET A 375 -5.40 -17.26 -38.07
C MET A 375 -5.75 -17.05 -36.59
N THR A 376 -5.66 -15.80 -36.14
CA THR A 376 -5.90 -15.47 -34.74
C THR A 376 -7.22 -14.72 -34.65
N ALA A 377 -8.16 -15.28 -33.88
CA ALA A 377 -9.47 -14.68 -33.76
C ALA A 377 -9.39 -13.39 -32.96
N GLU A 378 -10.42 -12.56 -33.12
CA GLU A 378 -10.51 -11.32 -32.37
C GLU A 378 -10.73 -11.59 -30.89
N ALA A 379 -10.34 -10.61 -30.06
CA ALA A 379 -10.40 -10.79 -28.63
C ALA A 379 -11.84 -10.92 -28.15
N ARG A 380 -12.05 -11.79 -27.16
CA ARG A 380 -13.32 -11.84 -26.46
C ARG A 380 -13.40 -10.68 -25.49
N LEU A 381 -14.59 -10.11 -25.36
CA LEU A 381 -14.85 -8.99 -24.45
C LEU A 381 -15.79 -9.45 -23.35
N VAL A 382 -15.43 -9.17 -22.09
CA VAL A 382 -16.26 -9.54 -20.96
C VAL A 382 -16.32 -8.40 -19.95
N ARG A 383 -17.35 -8.43 -19.13
CA ARG A 383 -17.44 -7.61 -17.94
C ARG A 383 -16.60 -8.24 -16.85
N LEU A 384 -15.69 -7.46 -16.25
CA LEU A 384 -14.84 -7.96 -15.18
C LEU A 384 -14.63 -6.81 -14.18
N ASP A 385 -15.38 -6.83 -13.09
CA ASP A 385 -15.25 -5.79 -12.06
C ASP A 385 -14.80 -6.47 -10.77
N PRO A 386 -13.55 -6.26 -10.35
CA PRO A 386 -13.04 -6.95 -9.16
C PRO A 386 -13.73 -6.55 -7.87
N LEU A 387 -14.46 -5.43 -7.85
CA LEU A 387 -15.22 -5.04 -6.66
C LEU A 387 -16.56 -5.76 -6.56
N ASP A 388 -16.86 -6.65 -7.51
CA ASP A 388 -17.96 -7.61 -7.42
C ASP A 388 -17.32 -8.99 -7.50
N PRO A 389 -16.80 -9.50 -6.38
CA PRO A 389 -15.97 -10.72 -6.45
C PRO A 389 -16.71 -11.96 -6.92
N ARG A 390 -17.99 -12.10 -6.61
CA ARG A 390 -18.69 -13.30 -7.04
C ARG A 390 -18.88 -13.34 -8.54
N ALA A 391 -19.20 -12.19 -9.15
CA ALA A 391 -19.30 -12.13 -10.61
C ALA A 391 -17.93 -12.30 -11.25
N ALA A 392 -16.89 -11.73 -10.65
CA ALA A 392 -15.55 -11.90 -11.23
C ALA A 392 -15.14 -13.37 -11.25
N ALA A 393 -15.37 -14.06 -10.12
CA ALA A 393 -15.00 -15.48 -10.04
C ALA A 393 -15.77 -16.30 -11.07
N GLN A 394 -17.05 -16.00 -11.26
CA GLN A 394 -17.85 -16.71 -12.27
C GLN A 394 -17.34 -16.41 -13.68
N THR A 395 -17.03 -15.14 -13.96
CA THR A 395 -16.49 -14.79 -15.27
C THR A 395 -15.20 -15.58 -15.56
N LEU A 396 -14.31 -15.65 -14.57
CA LEU A 396 -13.08 -16.41 -14.77
C LEU A 396 -13.38 -17.89 -15.02
N GLU A 397 -14.37 -18.44 -14.32
CA GLU A 397 -14.74 -19.85 -14.54
C GLU A 397 -15.29 -20.05 -15.95
N GLN A 398 -16.13 -19.13 -16.42
CA GLN A 398 -16.67 -19.25 -17.77
C GLN A 398 -15.57 -19.17 -18.82
N ILE A 399 -14.59 -18.27 -18.62
CA ILE A 399 -13.45 -18.21 -19.54
C ILE A 399 -12.68 -19.52 -19.53
N HIS A 400 -12.47 -20.09 -18.34
CA HIS A 400 -11.77 -21.37 -18.27
C HIS A 400 -12.52 -22.47 -19.02
N ALA A 401 -13.86 -22.49 -18.89
CA ALA A 401 -14.62 -23.52 -19.58
C ALA A 401 -14.52 -23.36 -21.10
N GLU A 402 -14.53 -22.14 -21.59
CA GLU A 402 -14.54 -21.86 -23.02
C GLU A 402 -13.15 -21.99 -23.64
N LEU A 403 -12.10 -21.49 -22.96
CA LEU A 403 -10.77 -21.38 -23.54
C LEU A 403 -9.74 -22.33 -22.95
N GLY A 404 -10.03 -22.96 -21.81
CA GLY A 404 -9.19 -24.02 -21.29
C GLY A 404 -8.23 -23.61 -20.20
N ALA A 405 -8.04 -22.32 -19.97
CA ALA A 405 -7.03 -21.84 -19.03
C ALA A 405 -6.95 -20.33 -19.17
N ILE A 406 -6.32 -19.71 -18.19
CA ILE A 406 -5.84 -18.34 -18.33
C ILE A 406 -4.38 -18.40 -17.95
N HIS A 407 -3.50 -18.21 -18.94
CA HIS A 407 -2.07 -18.31 -18.68
C HIS A 407 -1.55 -17.04 -18.01
N HIS A 408 -1.76 -15.88 -18.62
CA HIS A 408 -1.17 -14.63 -18.15
C HIS A 408 -2.24 -13.55 -18.07
N ALA A 409 -1.91 -12.46 -17.36
CA ALA A 409 -2.81 -11.33 -17.22
C ALA A 409 -2.04 -10.02 -17.32
N VAL A 410 -2.70 -9.02 -17.88
CA VAL A 410 -2.23 -7.63 -17.90
C VAL A 410 -3.25 -6.85 -17.09
N VAL A 411 -2.79 -6.05 -16.14
CA VAL A 411 -3.69 -5.33 -15.24
C VAL A 411 -3.43 -3.84 -15.42
N LEU A 412 -4.44 -3.11 -15.89
CA LEU A 412 -4.41 -1.65 -15.99
C LEU A 412 -5.04 -1.03 -14.76
N PRO A 413 -4.89 0.27 -14.54
CA PRO A 413 -5.57 0.91 -13.40
C PRO A 413 -7.09 0.89 -13.55
N GLY A 414 -7.76 1.08 -12.41
CA GLY A 414 -9.21 0.98 -12.39
C GLY A 414 -9.93 2.12 -13.09
N GLN A 415 -9.31 3.31 -13.14
CA GLN A 415 -9.90 4.45 -13.82
C GLN A 415 -8.81 5.21 -14.55
N SER A 416 -9.19 5.83 -15.67
CA SER A 416 -8.23 6.49 -16.54
C SER A 416 -8.20 8.00 -16.29
N ALA A 422 -4.68 15.98 -9.15
CA ALA A 422 -4.26 17.36 -8.95
C ALA A 422 -3.51 17.52 -7.62
N SER A 423 -4.23 17.96 -6.60
CA SER A 423 -3.71 18.12 -5.25
C SER A 423 -4.10 16.91 -4.40
N LEU A 424 -3.30 16.64 -3.37
CA LEU A 424 -3.62 15.60 -2.38
C LEU A 424 -4.31 16.15 -1.14
N ILE A 425 -4.40 17.47 -1.00
CA ILE A 425 -5.00 18.12 0.17
C ILE A 425 -6.31 18.81 -0.20
N GLU A 426 -6.26 19.72 -1.16
CA GLU A 426 -7.44 20.48 -1.59
C GLU A 426 -8.20 19.65 -2.64
N VAL A 427 -8.89 18.64 -2.13
CA VAL A 427 -9.55 17.66 -2.98
C VAL A 427 -10.82 17.22 -2.26
N ASP A 428 -11.89 17.02 -3.02
CA ASP A 428 -13.15 16.60 -2.42
C ASP A 428 -12.98 15.24 -1.75
N ASP A 429 -13.67 15.06 -0.61
CA ASP A 429 -13.58 13.81 0.12
C ASP A 429 -13.91 12.60 -0.77
N GLN A 430 -14.87 12.74 -1.69
CA GLN A 430 -15.28 11.60 -2.49
C GLN A 430 -14.24 11.22 -3.53
N VAL A 431 -13.40 12.17 -3.96
CA VAL A 431 -12.31 11.82 -4.84
C VAL A 431 -11.30 10.92 -4.13
N VAL A 432 -10.97 11.25 -2.88
CA VAL A 432 -10.07 10.39 -2.10
C VAL A 432 -10.70 9.00 -1.91
N GLU A 433 -11.98 8.95 -1.55
CA GLU A 433 -12.60 7.66 -1.28
C GLU A 433 -12.67 6.80 -2.53
N ARG A 434 -13.01 7.41 -3.67
CA ARG A 434 -13.04 6.66 -4.93
C ARG A 434 -11.66 6.13 -5.31
N PHE A 435 -10.61 6.94 -5.12
CA PHE A 435 -9.27 6.46 -5.41
C PHE A 435 -8.91 5.26 -4.54
N LEU A 436 -9.14 5.36 -3.23
CA LEU A 436 -8.82 4.25 -2.33
C LEU A 436 -9.59 3.00 -2.70
N HIS A 437 -10.89 3.16 -3.00
CA HIS A 437 -11.72 1.99 -3.30
C HIS A 437 -11.43 1.43 -4.69
N GLN A 438 -11.44 2.28 -5.72
CA GLN A 438 -11.31 1.77 -7.09
C GLN A 438 -9.90 1.32 -7.40
N GLU A 439 -8.88 2.06 -6.94
CA GLU A 439 -7.51 1.74 -7.34
C GLU A 439 -6.79 0.83 -6.36
N LEU A 440 -6.80 1.14 -5.05
CA LEU A 440 -6.08 0.30 -4.11
C LEU A 440 -6.83 -0.98 -3.80
N VAL A 441 -8.03 -0.88 -3.23
CA VAL A 441 -8.82 -2.07 -2.98
C VAL A 441 -9.07 -2.82 -4.27
N GLY A 442 -9.44 -2.10 -5.34
CA GLY A 442 -9.79 -2.77 -6.59
C GLY A 442 -8.65 -3.58 -7.18
N THR A 443 -7.43 -3.02 -7.18
CA THR A 443 -6.29 -3.71 -7.77
C THR A 443 -5.89 -4.91 -6.92
N ILE A 444 -5.86 -4.75 -5.60
CA ILE A 444 -5.52 -5.88 -4.75
C ILE A 444 -6.59 -6.96 -4.83
N ALA A 445 -7.87 -6.56 -4.90
CA ALA A 445 -8.95 -7.55 -5.01
C ALA A 445 -8.84 -8.33 -6.31
N LEU A 446 -8.46 -7.66 -7.40
CA LEU A 446 -8.25 -8.35 -8.66
C LEU A 446 -7.15 -9.40 -8.56
N ALA A 447 -6.01 -9.04 -7.93
CA ALA A 447 -4.94 -10.01 -7.77
C ALA A 447 -5.40 -11.17 -6.89
N ARG A 448 -6.19 -10.88 -5.86
CA ARG A 448 -6.75 -11.94 -5.03
C ARG A 448 -7.59 -12.90 -5.88
N GLU A 449 -8.42 -12.33 -6.75
CA GLU A 449 -9.30 -13.14 -7.58
C GLU A 449 -8.53 -13.99 -8.58
N LEU A 450 -7.48 -13.42 -9.18
CA LEU A 450 -6.65 -14.18 -10.11
C LEU A 450 -5.85 -15.27 -9.39
N ALA A 451 -5.24 -14.91 -8.26
CA ALA A 451 -4.48 -15.90 -7.51
C ALA A 451 -5.37 -17.07 -7.09
N ARG A 452 -6.57 -16.76 -6.59
CA ARG A 452 -7.47 -17.81 -6.16
C ARG A 452 -7.89 -18.70 -7.33
N PHE A 453 -8.24 -18.07 -8.46
CA PHE A 453 -8.63 -18.83 -9.64
C PHE A 453 -7.52 -19.77 -10.07
N TRP A 454 -6.28 -19.27 -10.13
CA TRP A 454 -5.15 -20.10 -10.55
C TRP A 454 -4.87 -21.23 -9.58
N GLU A 455 -5.11 -21.03 -8.28
CA GLU A 455 -4.94 -22.13 -7.33
C GLU A 455 -6.03 -23.18 -7.52
N GLU A 456 -7.26 -22.74 -7.78
CA GLU A 456 -8.40 -23.65 -7.88
C GLU A 456 -8.42 -24.43 -9.19
N TYR A 457 -7.83 -23.87 -10.26
CA TYR A 457 -7.83 -24.47 -11.58
C TYR A 457 -6.38 -24.70 -12.02
N PRO A 458 -5.69 -25.64 -11.40
CA PRO A 458 -4.30 -25.91 -11.78
C PRO A 458 -4.20 -26.20 -13.27
N SER A 459 -3.12 -25.69 -13.90
CA SER A 459 -2.89 -25.90 -15.33
C SER A 459 -1.45 -26.31 -15.61
N GLY A 460 -0.80 -26.97 -14.66
CA GLY A 460 0.58 -27.38 -14.82
C GLY A 460 1.54 -26.52 -14.02
N SER A 461 2.82 -26.67 -14.35
CA SER A 461 3.88 -26.02 -13.60
C SER A 461 4.43 -24.76 -14.27
N SER A 462 3.99 -24.46 -15.49
CA SER A 462 4.41 -23.24 -16.16
C SER A 462 3.90 -22.01 -15.40
N MET A 463 4.79 -21.07 -15.13
CA MET A 463 4.40 -19.90 -14.34
C MET A 463 3.33 -19.09 -15.01
N HIS A 464 2.44 -18.54 -14.19
CA HIS A 464 1.51 -17.52 -14.62
C HIS A 464 2.23 -16.19 -14.53
N ARG A 465 2.12 -15.36 -15.57
CA ARG A 465 2.79 -14.06 -15.58
C ARG A 465 1.75 -12.96 -15.49
N VAL A 466 2.00 -11.97 -14.63
CA VAL A 466 1.12 -10.81 -14.49
C VAL A 466 1.95 -9.56 -14.76
N LEU A 467 1.45 -8.68 -15.61
CA LEU A 467 2.08 -7.39 -15.84
C LEU A 467 1.09 -6.32 -15.42
N PHE A 468 1.39 -5.61 -14.34
CA PHE A 468 0.65 -4.40 -14.03
C PHE A 468 1.21 -3.29 -14.90
N VAL A 469 0.32 -2.45 -15.46
CA VAL A 469 0.74 -1.35 -16.32
C VAL A 469 0.11 -0.07 -15.79
N SER A 470 0.92 0.97 -15.58
CA SER A 470 0.41 2.22 -15.03
C SER A 470 -0.36 3.00 -16.11
N ASN A 471 -1.10 4.01 -15.66
CA ASN A 471 -1.64 5.01 -16.57
C ASN A 471 -0.52 5.79 -17.25
N PRO A 472 -0.81 6.44 -18.36
CA PRO A 472 0.16 7.38 -18.95
C PRO A 472 0.28 8.65 -18.10
N ASP A 473 1.23 9.50 -18.49
CA ASP A 473 1.48 10.75 -17.81
C ASP A 473 0.19 11.56 -17.66
N ASP A 474 -0.06 12.07 -16.45
CA ASP A 474 -1.22 12.93 -16.20
C ASP A 474 -0.91 14.42 -16.36
N GLN A 475 0.28 14.77 -16.80
CA GLN A 475 0.73 16.14 -17.04
C GLN A 475 0.77 16.98 -15.77
N GLN A 476 0.64 16.37 -14.58
CA GLN A 476 0.57 17.14 -13.36
C GLN A 476 1.37 16.50 -12.23
N GLY A 477 2.44 15.80 -12.56
CA GLY A 477 3.28 15.21 -11.54
C GLY A 477 2.92 13.79 -11.13
N ASN A 478 1.78 13.26 -11.57
CA ASN A 478 1.45 11.84 -11.37
C ASN A 478 1.41 11.47 -9.88
N GLN A 479 0.87 12.36 -9.04
CA GLN A 479 0.88 12.15 -7.60
C GLN A 479 0.07 10.92 -7.21
N TYR A 480 -1.10 10.73 -7.83
CA TYR A 480 -1.93 9.59 -7.45
C TYR A 480 -1.37 8.30 -8.05
N SER A 481 -0.83 8.36 -9.26
CA SER A 481 -0.20 7.20 -9.87
C SER A 481 0.99 6.71 -9.05
N HIS A 482 1.74 7.62 -8.43
CA HIS A 482 2.85 7.24 -7.54
C HIS A 482 2.33 6.38 -6.39
N ILE A 483 1.15 6.71 -5.85
CA ILE A 483 0.62 5.95 -4.74
C ILE A 483 0.23 4.54 -5.17
N LEU A 484 -0.40 4.43 -6.33
CA LEU A 484 -0.76 3.12 -6.85
C LEU A 484 0.49 2.31 -7.16
N ARG A 485 1.51 2.97 -7.74
CA ARG A 485 2.78 2.31 -8.03
C ARG A 485 3.38 1.67 -6.79
N ALA A 486 3.38 2.42 -5.67
CA ALA A 486 3.97 1.90 -4.44
C ALA A 486 3.22 0.68 -3.93
N ALA A 487 1.88 0.75 -3.92
CA ALA A 487 1.07 -0.38 -3.47
C ALA A 487 1.26 -1.60 -4.37
N VAL A 488 1.33 -1.40 -5.69
CA VAL A 488 1.46 -2.52 -6.62
C VAL A 488 2.82 -3.19 -6.46
N GLU A 489 3.89 -2.39 -6.26
CA GLU A 489 5.21 -2.97 -6.07
C GLU A 489 5.23 -3.91 -4.87
N GLN A 490 4.60 -3.52 -3.77
CA GLN A 490 4.69 -4.40 -2.61
C GLN A 490 3.68 -5.54 -2.71
N LEU A 491 2.52 -5.32 -3.34
CA LEU A 491 1.69 -6.46 -3.74
C LEU A 491 2.50 -7.47 -4.54
N VAL A 492 3.21 -7.02 -5.58
CA VAL A 492 4.01 -7.92 -6.41
C VAL A 492 5.06 -8.65 -5.57
N ARG A 493 5.81 -7.91 -4.76
CA ARG A 493 6.90 -8.54 -4.00
C ARG A 493 6.39 -9.72 -3.16
N VAL A 494 5.32 -9.50 -2.40
CA VAL A 494 4.86 -10.58 -1.53
C VAL A 494 4.13 -11.66 -2.33
N TRP A 495 3.40 -11.29 -3.38
CA TRP A 495 2.74 -12.31 -4.20
C TRP A 495 3.76 -13.25 -4.82
N ARG A 496 4.87 -12.70 -5.35
CA ARG A 496 5.93 -13.56 -5.89
C ARG A 496 6.40 -14.55 -4.85
N HIS A 497 6.63 -14.09 -3.61
CA HIS A 497 7.16 -14.94 -2.55
C HIS A 497 6.12 -15.97 -2.10
N GLU A 498 4.88 -15.53 -1.84
CA GLU A 498 3.85 -16.48 -1.41
C GLU A 498 3.66 -17.58 -2.46
N SER A 499 3.60 -17.20 -3.74
CA SER A 499 3.27 -18.20 -4.76
C SER A 499 4.43 -19.14 -5.00
N GLU A 500 5.67 -18.64 -4.95
CA GLU A 500 6.83 -19.51 -5.00
C GLU A 500 6.83 -20.49 -3.83
N TYR A 501 6.68 -19.97 -2.61
CA TYR A 501 6.67 -20.83 -1.42
C TYR A 501 5.57 -21.87 -1.50
N ASP A 502 4.35 -21.45 -1.83
CA ASP A 502 3.24 -22.38 -1.87
C ASP A 502 3.36 -23.41 -2.98
N SER A 503 4.10 -23.10 -4.05
CA SER A 503 4.25 -24.07 -5.14
C SER A 503 5.21 -25.19 -4.75
N VAL A 504 6.14 -24.90 -3.85
CA VAL A 504 7.02 -25.93 -3.32
C VAL A 504 6.38 -26.66 -2.13
N ASN A 505 5.71 -25.94 -1.23
CA ASN A 505 5.09 -26.51 -0.03
C ASN A 505 3.58 -26.46 -0.16
N PRO A 506 2.92 -27.54 -0.61
CA PRO A 506 1.46 -27.51 -0.86
C PRO A 506 0.63 -26.92 0.30
N SER A 515 -0.17 -26.64 -8.64
CA SER A 515 0.07 -25.28 -8.17
C SER A 515 1.28 -24.63 -8.84
N ALA A 516 1.01 -23.60 -9.65
CA ALA A 516 2.05 -22.89 -10.38
C ALA A 516 2.36 -21.57 -9.68
N ALA A 517 3.63 -21.18 -9.75
CA ALA A 517 4.00 -19.90 -9.18
C ALA A 517 3.55 -18.78 -10.13
N VAL A 518 3.47 -17.58 -9.58
CA VAL A 518 3.14 -16.37 -10.33
C VAL A 518 4.39 -15.51 -10.38
N TRP A 519 4.76 -15.05 -11.57
CA TRP A 519 5.77 -13.99 -11.68
C TRP A 519 5.04 -12.73 -12.09
N ALA A 520 5.42 -11.60 -11.49
CA ALA A 520 4.76 -10.34 -11.80
C ALA A 520 5.79 -9.22 -11.87
N ASN A 521 5.44 -8.19 -12.65
CA ASN A 521 6.22 -6.96 -12.77
C ASN A 521 5.21 -5.83 -12.92
N GLN A 522 5.71 -4.60 -12.87
CA GLN A 522 4.87 -3.42 -13.06
C GLN A 522 5.56 -2.49 -14.06
N LEU A 523 4.87 -2.15 -15.15
CA LEU A 523 5.44 -1.26 -16.15
C LEU A 523 5.00 0.16 -15.86
N ILE A 524 5.96 1.08 -15.81
CA ILE A 524 5.68 2.47 -15.49
C ILE A 524 5.76 3.29 -16.78
N ARG A 525 4.61 3.77 -17.25
CA ARG A 525 4.51 4.57 -18.47
C ARG A 525 4.65 6.06 -18.22
N TYR A 526 4.29 6.53 -17.03
CA TYR A 526 4.03 7.95 -16.86
C TYR A 526 5.28 8.81 -16.74
N VAL A 527 6.48 8.20 -16.68
CA VAL A 527 7.71 9.00 -16.69
C VAL A 527 8.12 9.39 -18.09
N ASN A 528 7.39 8.95 -19.11
CA ASN A 528 7.67 9.28 -20.50
C ASN A 528 6.43 9.92 -21.10
N ASN A 529 6.63 10.99 -21.86
CA ASN A 529 5.52 11.79 -22.37
C ASN A 529 5.56 11.88 -23.90
N GLU A 530 6.15 10.89 -24.55
CA GLU A 530 6.34 10.88 -26.00
C GLU A 530 5.25 10.13 -26.74
N MET A 531 5.13 10.45 -28.04
CA MET A 531 4.09 9.84 -28.85
C MET A 531 4.28 8.34 -29.00
N ALA A 532 5.53 7.86 -29.00
CA ALA A 532 5.80 6.44 -29.14
C ALA A 532 5.51 5.62 -27.86
N ASN A 533 5.00 6.26 -26.80
CA ASN A 533 4.87 5.63 -25.49
C ASN A 533 4.01 4.36 -25.55
N LEU A 534 2.79 4.46 -26.09
CA LEU A 534 1.90 3.30 -26.13
C LEU A 534 2.50 2.14 -26.93
N ASP A 535 3.03 2.43 -28.13
CA ASP A 535 3.61 1.38 -28.97
C ASP A 535 4.77 0.70 -28.27
N PHE A 536 5.64 1.48 -27.64
CA PHE A 536 6.79 0.95 -26.91
C PHE A 536 6.32 0.05 -25.76
N THR A 537 5.30 0.50 -25.02
CA THR A 537 4.75 -0.27 -23.91
C THR A 537 4.17 -1.60 -24.38
N CYS A 538 3.35 -1.55 -25.44
CA CYS A 538 2.72 -2.75 -25.97
C CYS A 538 3.75 -3.77 -26.41
N ALA A 539 4.82 -3.33 -27.07
CA ALA A 539 5.87 -4.24 -27.51
C ALA A 539 6.53 -4.94 -26.32
N TRP A 540 6.79 -4.20 -25.25
CA TRP A 540 7.41 -4.84 -24.09
C TRP A 540 6.45 -5.80 -23.41
N VAL A 541 5.15 -5.45 -23.33
CA VAL A 541 4.16 -6.38 -22.78
C VAL A 541 4.17 -7.69 -23.56
N ALA A 542 4.16 -7.60 -24.89
CA ALA A 542 4.17 -8.80 -25.73
C ALA A 542 5.44 -9.60 -25.53
N LYS A 543 6.58 -8.91 -25.46
CA LYS A 543 7.85 -9.60 -25.26
C LYS A 543 7.89 -10.30 -23.92
N LEU A 544 7.43 -9.63 -22.87
CA LEU A 544 7.51 -10.21 -21.52
C LEU A 544 6.52 -11.36 -21.30
N LEU A 545 5.42 -11.38 -22.05
CA LEU A 545 4.44 -12.45 -21.91
C LEU A 545 4.62 -13.59 -22.91
N GLY A 546 5.24 -13.32 -24.05
CA GLY A 546 5.29 -14.31 -25.10
C GLY A 546 6.63 -15.00 -25.26
N SER A 547 7.63 -14.53 -24.54
CA SER A 547 8.98 -15.08 -24.64
C SER A 547 9.41 -15.58 -23.27
N ASP A 548 10.57 -16.24 -23.22
CA ASP A 548 11.00 -16.86 -21.97
C ASP A 548 11.59 -15.84 -20.99
N ARG A 549 11.96 -14.65 -21.46
CA ARG A 549 12.61 -13.65 -20.62
C ARG A 549 11.78 -13.33 -19.38
N ARG A 550 12.44 -13.32 -18.22
CA ARG A 550 11.84 -12.91 -16.95
C ARG A 550 12.79 -11.93 -16.26
N ILE A 551 12.25 -10.80 -15.80
CA ILE A 551 13.07 -9.73 -15.23
C ILE A 551 12.91 -9.75 -13.71
N ALA A 552 14.05 -9.69 -13.00
CA ALA A 552 14.04 -9.77 -11.55
C ALA A 552 13.47 -8.52 -10.90
N GLU A 553 13.83 -7.34 -11.41
CA GLU A 553 13.33 -6.09 -10.84
C GLU A 553 11.82 -6.00 -10.99
N ILE A 554 11.17 -5.38 -10.01
CA ILE A 554 9.71 -5.34 -10.01
C ILE A 554 9.20 -4.26 -10.95
N ASN A 555 9.70 -3.02 -10.79
CA ASN A 555 9.20 -1.88 -11.57
C ASN A 555 10.07 -1.67 -12.80
N LEU A 556 9.43 -1.61 -13.97
CA LEU A 556 10.11 -1.52 -15.26
C LEU A 556 9.71 -0.18 -15.87
N TYR A 557 10.65 0.76 -15.86
CA TYR A 557 10.35 2.13 -16.29
C TYR A 557 10.64 2.29 -17.78
N LEU A 558 9.72 2.98 -18.47
CA LEU A 558 10.07 3.50 -19.79
C LEU A 558 11.20 4.52 -19.64
N PRO A 559 12.08 4.63 -20.61
CA PRO A 559 13.08 5.70 -20.58
C PRO A 559 12.43 7.04 -20.84
N GLU A 560 13.11 8.11 -20.43
CA GLU A 560 12.56 9.44 -20.70
C GLU A 560 12.56 9.77 -22.19
N GLU A 561 13.56 9.27 -22.92
CA GLU A 561 13.61 9.43 -24.38
C GLU A 561 13.72 8.06 -25.00
N ILE A 562 12.75 7.69 -25.84
CA ILE A 562 12.73 6.35 -26.41
C ILE A 562 13.75 6.24 -27.55
N VAL A 563 13.73 7.20 -28.47
CA VAL A 563 14.68 7.16 -29.59
C VAL A 563 16.07 7.62 -29.12
#